data_2BDN
#
_entry.id   2BDN
#
_cell.length_a   86.36
_cell.length_b   89.10
_cell.length_c   176.24
_cell.angle_alpha   90
_cell.angle_beta   90
_cell.angle_gamma   90
#
_symmetry.space_group_name_H-M   'C 2 2 21'
#
loop_
_entity.id
_entity.type
_entity.pdbx_description
1 polymer 'Small inducible cytokine A2'
2 polymer 'Antibody light chain 11K2'
3 polymer 'Antibody heavy chain 11K2'
4 water water
#
loop_
_entity_poly.entity_id
_entity_poly.type
_entity_poly.pdbx_seq_one_letter_code
_entity_poly.pdbx_strand_id
1 'polypeptide(L)' QPDAINAPVTCCYNFTNRKISVQRLASYRRITSSKCPKEAVIFKTIVAKEICADPKQKWVQDSMDHLDKQTQTPKT A
2 'polypeptide(L)'
;DIQMTQSSSSFSVSLGDRVTITCKATEDIYNRLAWYQQKPGSAPRLLISGATSLETGVPSRFSGSGSGKDYTLSITSLQT
EDVATYYCQQFWSAPYTFGGGTKLEIKRADAAPTVSIFPPSSEQLTSGGASVVCFLNNFYPKDINVKWKIDGSERQNGVL
NSWTDQDSKDSTYSMSSTLTLTKDEYERHNSYTCEATHKTSTSPIVKSFNRNEC
;
L
3 'polypeptide(L)'
;EVQLQQSGAELVKAGASVKLSCPASGLNIKDTYMHWVKQRPEQGLEWIGRIDPANGNTKFDPKFQGKATITADTSSNTAY
LQLSSLTSEDTAVYYCARGVFGFFDYWGQGTTLTVSSAKTTAPSVYPLAPVCGDTTGSSVTLGCLVKGYFPEPVTLTWNS
GSLSSGVHTFPAVLQSDLYTLSSSVTVTSSTWPSQSITCNVAHPASSTKVDKKIVPR
;
H
#
# COMPACT_ATOMS: atom_id res chain seq x y z
N ALA A 4 11.24 -14.78 26.25
CA ALA A 4 11.10 -13.46 25.55
C ALA A 4 9.83 -12.71 25.98
N ILE A 5 8.70 -13.41 25.96
CA ILE A 5 7.43 -12.78 26.35
C ILE A 5 7.32 -12.54 27.85
N ASN A 6 8.05 -13.32 28.64
CA ASN A 6 8.00 -13.20 30.08
C ASN A 6 9.15 -12.41 30.68
N ALA A 7 9.64 -11.45 29.91
CA ALA A 7 10.71 -10.59 30.39
C ALA A 7 10.00 -9.53 31.21
N PRO A 8 10.71 -8.89 32.15
CA PRO A 8 10.03 -7.86 32.93
C PRO A 8 10.01 -6.56 32.13
N VAL A 9 9.10 -5.67 32.46
CA VAL A 9 9.02 -4.40 31.78
C VAL A 9 9.24 -3.31 32.80
N THR A 10 10.11 -2.38 32.46
CA THR A 10 10.39 -1.27 33.34
C THR A 10 9.52 -0.11 32.87
N CYS A 11 8.87 0.56 33.82
CA CYS A 11 8.00 1.69 33.51
C CYS A 11 8.30 2.90 34.39
N CYS A 12 7.68 4.02 34.07
CA CYS A 12 7.84 5.24 34.83
C CYS A 12 6.50 5.66 35.38
N TYR A 13 6.44 5.88 36.68
CA TYR A 13 5.20 6.29 37.31
C TYR A 13 5.25 7.74 37.79
N ASN A 14 6.38 8.39 37.53
CA ASN A 14 6.57 9.78 37.92
C ASN A 14 7.62 10.41 37.03
N PHE A 15 7.57 11.73 36.93
CA PHE A 15 8.54 12.45 36.13
C PHE A 15 9.25 13.45 37.02
N THR A 16 10.57 13.42 37.01
CA THR A 16 11.30 14.38 37.83
C THR A 16 10.84 15.76 37.41
N ASN A 17 10.62 16.63 38.39
CA ASN A 17 10.18 17.99 38.11
C ASN A 17 11.33 18.96 38.19
N ARG A 18 12.54 18.43 38.31
CA ARG A 18 13.72 19.28 38.38
C ARG A 18 14.71 18.89 37.29
N LYS A 19 15.02 19.84 36.42
CA LYS A 19 15.96 19.65 35.33
C LYS A 19 17.28 19.04 35.81
N ILE A 20 17.98 18.37 34.90
CA ILE A 20 19.26 17.75 35.24
C ILE A 20 20.41 18.25 34.37
N SER A 21 21.52 18.59 35.02
CA SER A 21 22.70 19.08 34.32
C SER A 21 23.27 18.02 33.40
N VAL A 22 23.58 18.40 32.18
CA VAL A 22 24.11 17.45 31.21
C VAL A 22 25.44 16.84 31.66
N GLN A 23 26.15 17.54 32.52
CA GLN A 23 27.42 17.05 33.01
C GLN A 23 27.19 15.97 34.07
N ARG A 24 25.92 15.69 34.34
CA ARG A 24 25.52 14.69 35.31
C ARG A 24 24.96 13.44 34.63
N LEU A 25 24.68 13.56 33.33
CA LEU A 25 24.13 12.46 32.54
C LEU A 25 25.13 11.52 31.88
N ALA A 26 24.81 10.24 31.83
CA ALA A 26 25.69 9.28 31.20
C ALA A 26 25.01 8.58 30.04
N SER A 27 23.69 8.40 30.12
CA SER A 27 22.97 7.72 29.05
C SER A 27 21.46 7.75 29.27
N TYR A 28 20.70 7.40 28.24
CA TYR A 28 19.26 7.39 28.41
C TYR A 28 18.61 6.26 27.65
N ARG A 29 17.44 5.86 28.13
CA ARG A 29 16.64 4.80 27.55
C ARG A 29 15.28 5.35 27.14
N ARG A 30 14.70 4.77 26.10
CA ARG A 30 13.39 5.20 25.64
C ARG A 30 12.37 4.18 26.10
N ILE A 31 11.40 4.60 26.91
CA ILE A 31 10.36 3.69 27.38
C ILE A 31 9.09 3.90 26.55
N THR A 32 8.64 2.85 25.87
CA THR A 32 7.46 2.97 25.04
C THR A 32 6.43 1.85 25.15
N SER A 33 6.69 0.86 26.00
CA SER A 33 5.79 -0.27 26.17
C SER A 33 4.36 0.17 26.51
N SER A 34 3.40 -0.37 25.77
CA SER A 34 2.00 -0.04 26.00
C SER A 34 1.61 -0.54 27.39
N LYS A 35 2.47 -1.38 27.96
CA LYS A 35 2.24 -1.90 29.30
C LYS A 35 2.50 -0.78 30.32
N CYS A 36 3.16 0.29 29.90
CA CYS A 36 3.44 1.39 30.83
C CYS A 36 2.32 2.44 30.81
N PRO A 37 2.26 3.28 31.85
CA PRO A 37 1.21 4.29 31.87
C PRO A 37 1.37 5.27 30.71
N LYS A 38 2.62 5.50 30.29
CA LYS A 38 2.91 6.41 29.18
C LYS A 38 4.39 6.42 28.81
N GLU A 39 4.66 6.83 27.58
CA GLU A 39 6.03 6.90 27.07
C GLU A 39 6.86 7.77 27.98
N ALA A 40 8.11 7.37 28.23
CA ALA A 40 8.99 8.13 29.10
C ALA A 40 10.45 7.95 28.72
N VAL A 41 11.31 8.74 29.36
CA VAL A 41 12.76 8.69 29.15
C VAL A 41 13.43 8.38 30.49
N ILE A 42 14.36 7.43 30.50
CA ILE A 42 15.07 7.11 31.74
C ILE A 42 16.52 7.51 31.61
N PHE A 43 16.92 8.49 32.42
CA PHE A 43 18.29 8.97 32.45
C PHE A 43 19.15 8.19 33.45
N LYS A 44 20.37 7.90 33.04
CA LYS A 44 21.34 7.17 33.85
C LYS A 44 22.36 8.26 34.21
N THR A 45 22.56 8.51 35.50
CA THR A 45 23.53 9.53 35.91
C THR A 45 24.94 8.97 35.99
N ILE A 46 25.92 9.87 36.16
CA ILE A 46 27.32 9.50 36.26
C ILE A 46 27.55 8.39 37.28
N VAL A 47 26.72 8.38 38.31
CA VAL A 47 26.81 7.38 39.37
C VAL A 47 25.79 6.24 39.26
N ALA A 48 25.37 5.95 38.03
CA ALA A 48 24.41 4.87 37.74
C ALA A 48 22.98 5.04 38.26
N LYS A 49 22.63 6.22 38.75
CA LYS A 49 21.27 6.45 39.26
C LYS A 49 20.30 6.60 38.06
N GLU A 50 19.08 6.06 38.20
CA GLU A 50 18.09 6.16 37.12
C GLU A 50 16.99 7.17 37.45
N ILE A 51 16.68 8.03 36.50
CA ILE A 51 15.67 9.06 36.72
C ILE A 51 14.67 9.21 35.56
N CYS A 52 13.39 9.12 35.88
CA CYS A 52 12.34 9.22 34.88
C CYS A 52 12.02 10.67 34.53
N ALA A 53 11.99 10.98 33.24
CA ALA A 53 11.69 12.34 32.77
C ALA A 53 10.65 12.36 31.65
N ASP A 54 10.04 13.52 31.48
CA ASP A 54 9.01 13.75 30.48
C ASP A 54 9.59 13.97 29.08
N PRO A 55 9.26 13.08 28.13
CA PRO A 55 9.74 13.17 26.75
C PRO A 55 9.47 14.49 26.05
N LYS A 56 8.46 15.22 26.54
CA LYS A 56 8.06 16.47 25.91
C LYS A 56 8.75 17.76 26.35
N GLN A 57 9.44 17.73 27.47
CA GLN A 57 10.13 18.93 27.96
C GLN A 57 11.39 19.24 27.15
N LYS A 58 11.54 20.51 26.80
CA LYS A 58 12.68 20.94 26.01
C LYS A 58 14.03 20.44 26.53
N TRP A 59 14.27 20.56 27.83
CA TRP A 59 15.56 20.11 28.34
C TRP A 59 15.74 18.62 28.18
N VAL A 60 14.65 17.87 28.31
CA VAL A 60 14.78 16.43 28.18
C VAL A 60 15.19 16.07 26.75
N GLN A 61 14.61 16.75 25.78
CA GLN A 61 14.95 16.51 24.38
C GLN A 61 16.38 17.01 24.10
N ASP A 62 16.72 18.17 24.64
CA ASP A 62 18.06 18.70 24.45
C ASP A 62 19.09 17.76 25.04
N SER A 63 18.73 17.09 26.13
CA SER A 63 19.65 16.17 26.75
C SER A 63 19.85 15.00 25.78
N MET A 64 18.74 14.40 25.36
CA MET A 64 18.81 13.26 24.43
C MET A 64 19.70 13.57 23.24
N ASP A 65 19.44 14.71 22.60
CA ASP A 65 20.22 15.12 21.45
C ASP A 65 21.69 15.13 21.82
N HIS A 66 21.99 15.66 23.01
CA HIS A 66 23.36 15.73 23.47
C HIS A 66 23.98 14.35 23.71
N LEU A 67 23.32 13.53 24.52
CA LEU A 67 23.85 12.20 24.77
C LEU A 67 24.02 11.41 23.47
N ASP A 68 23.11 11.60 22.53
CA ASP A 68 23.18 10.88 21.25
C ASP A 68 24.34 11.38 20.40
N LYS A 69 24.51 12.70 20.33
CA LYS A 69 25.58 13.27 19.54
C LYS A 69 26.91 13.03 20.23
N GLN A 70 26.85 12.71 21.51
CA GLN A 70 28.05 12.42 22.29
C GLN A 70 28.69 11.22 21.62
N THR A 71 29.78 10.72 22.19
CA THR A 71 30.48 9.58 21.61
C THR A 71 29.56 8.39 21.32
N ASP B 1 16.03 19.38 4.59
CA ASP B 1 15.57 18.09 5.20
C ASP B 1 16.61 17.02 4.97
N ILE B 2 16.49 15.91 5.70
CA ILE B 2 17.39 14.78 5.57
C ILE B 2 16.76 13.84 4.55
N GLN B 3 17.55 13.35 3.59
CA GLN B 3 17.02 12.44 2.57
C GLN B 3 17.50 11.03 2.84
N MET B 4 16.55 10.10 2.85
CA MET B 4 16.85 8.70 3.10
C MET B 4 16.69 7.96 1.79
N THR B 5 17.63 7.08 1.49
CA THR B 5 17.57 6.31 0.27
C THR B 5 17.96 4.89 0.58
N GLN B 6 17.39 3.96 -0.17
CA GLN B 6 17.70 2.57 0.04
C GLN B 6 18.37 2.01 -1.21
N SER B 7 19.39 1.18 -0.98
CA SER B 7 20.18 0.57 -2.04
C SER B 7 19.36 0.22 -3.27
N SER B 8 18.30 -0.55 -3.06
CA SER B 8 17.43 -0.98 -4.15
C SER B 8 15.98 -0.92 -3.73
N SER B 9 15.09 -0.92 -4.71
CA SER B 9 13.67 -0.87 -4.42
C SER B 9 13.09 -2.27 -4.49
N SER B 10 13.93 -3.24 -4.85
CA SER B 10 13.45 -4.60 -4.97
C SER B 10 14.54 -5.67 -4.94
N PHE B 11 14.18 -6.81 -4.36
CA PHE B 11 15.07 -7.95 -4.26
C PHE B 11 14.26 -9.23 -4.48
N SER B 12 14.80 -10.14 -5.29
CA SER B 12 14.17 -11.42 -5.50
C SER B 12 14.97 -12.28 -4.53
N VAL B 13 14.27 -13.04 -3.68
CA VAL B 13 14.91 -13.85 -2.65
C VAL B 13 14.34 -15.24 -2.54
N SER B 14 14.98 -16.07 -1.71
CA SER B 14 14.53 -17.44 -1.51
C SER B 14 14.13 -17.66 -0.06
N LEU B 15 13.12 -18.48 0.17
CA LEU B 15 12.70 -18.77 1.53
C LEU B 15 13.88 -19.43 2.24
N GLY B 16 14.19 -18.96 3.43
CA GLY B 16 15.29 -19.57 4.15
C GLY B 16 16.63 -18.87 4.18
N ASP B 17 16.96 -18.09 3.18
CA ASP B 17 18.25 -17.42 3.22
C ASP B 17 18.23 -16.08 3.96
N ARG B 18 19.40 -15.47 4.07
CA ARG B 18 19.55 -14.20 4.76
C ARG B 18 19.32 -13.04 3.79
N VAL B 19 18.58 -12.05 4.25
CA VAL B 19 18.27 -10.89 3.42
C VAL B 19 18.72 -9.62 4.12
N THR B 20 19.39 -8.74 3.38
CA THR B 20 19.87 -7.49 3.96
C THR B 20 19.36 -6.28 3.20
N ILE B 21 18.75 -5.34 3.91
CA ILE B 21 18.25 -4.12 3.29
C ILE B 21 19.08 -2.97 3.83
N THR B 22 19.52 -2.10 2.93
CA THR B 22 20.37 -0.97 3.28
C THR B 22 19.75 0.42 3.18
N CYS B 23 20.08 1.25 4.17
CA CYS B 23 19.59 2.62 4.22
C CYS B 23 20.76 3.59 4.36
N LYS B 24 20.66 4.71 3.66
CA LYS B 24 21.71 5.72 3.70
C LYS B 24 21.13 7.11 3.92
N ALA B 25 21.58 7.74 5.00
CA ALA B 25 21.11 9.07 5.37
C ALA B 25 21.96 10.17 4.76
N THR B 26 21.29 11.27 4.44
CA THR B 26 21.90 12.45 3.85
C THR B 26 22.93 13.08 4.79
N GLU B 27 22.87 12.71 6.06
CA GLU B 27 23.78 13.24 7.07
C GLU B 27 23.66 12.37 8.33
N ASP B 28 24.65 12.43 9.21
CA ASP B 28 24.62 11.62 10.43
C ASP B 28 23.29 11.80 11.17
N ILE B 29 22.72 10.69 11.65
CA ILE B 29 21.45 10.72 12.37
C ILE B 29 21.51 10.05 13.75
N TYR B 30 22.73 9.83 14.22
CA TYR B 30 22.99 9.25 15.54
C TYR B 30 22.04 8.15 16.01
N ASN B 31 22.02 7.07 15.24
CA ASN B 31 21.19 5.91 15.53
C ASN B 31 19.70 6.18 15.69
N ARG B 32 19.24 7.36 15.26
CA ARG B 32 17.82 7.65 15.35
C ARG B 32 17.16 7.27 14.05
N LEU B 33 17.16 5.97 13.80
CA LEU B 33 16.57 5.39 12.62
C LEU B 33 15.59 4.31 13.05
N ALA B 34 14.51 4.14 12.30
CA ALA B 34 13.51 3.12 12.60
C ALA B 34 13.25 2.34 11.32
N TRP B 35 12.86 1.08 11.45
CA TRP B 35 12.55 0.25 10.28
C TRP B 35 11.08 -0.20 10.37
N TYR B 36 10.40 -0.21 9.23
CA TYR B 36 9.01 -0.63 9.14
C TYR B 36 8.80 -1.67 8.06
N GLN B 37 7.75 -2.46 8.26
CA GLN B 37 7.36 -3.51 7.34
C GLN B 37 5.95 -3.16 6.92
N GLN B 38 5.64 -3.33 5.65
CA GLN B 38 4.30 -3.03 5.19
C GLN B 38 3.84 -3.99 4.12
N LYS B 39 2.64 -4.53 4.35
CA LYS B 39 2.00 -5.45 3.43
C LYS B 39 0.82 -4.74 2.75
N PRO B 40 0.61 -5.02 1.45
CA PRO B 40 -0.42 -4.49 0.54
C PRO B 40 -1.72 -3.92 1.08
N GLY B 41 -2.22 -4.40 2.20
CA GLY B 41 -3.48 -3.83 2.65
C GLY B 41 -3.52 -3.22 4.04
N SER B 42 -2.37 -2.79 4.56
CA SER B 42 -2.39 -2.23 5.90
C SER B 42 -1.28 -1.25 6.20
N ALA B 43 -1.36 -0.65 7.39
CA ALA B 43 -0.38 0.32 7.79
C ALA B 43 0.97 -0.31 8.00
N PRO B 44 2.03 0.50 8.00
CA PRO B 44 3.37 -0.03 8.21
C PRO B 44 3.45 -0.51 9.65
N ARG B 45 4.29 -1.51 9.91
CA ARG B 45 4.48 -2.02 11.25
C ARG B 45 5.90 -1.73 11.72
N LEU B 46 6.04 -1.13 12.90
CA LEU B 46 7.37 -0.86 13.42
C LEU B 46 8.07 -2.17 13.82
N LEU B 47 9.29 -2.37 13.35
CA LEU B 47 10.05 -3.58 13.68
C LEU B 47 11.20 -3.21 14.59
N ILE B 48 11.91 -2.16 14.20
CA ILE B 48 13.08 -1.69 14.93
C ILE B 48 13.15 -0.16 15.05
N SER B 49 13.59 0.31 16.20
CA SER B 49 13.76 1.75 16.45
C SER B 49 15.10 1.91 17.15
N GLY B 50 15.67 3.11 17.11
CA GLY B 50 16.96 3.34 17.74
C GLY B 50 18.04 2.57 17.01
N ALA B 51 17.74 2.16 15.77
CA ALA B 51 18.65 1.42 14.90
C ALA B 51 18.87 -0.03 15.34
N THR B 52 18.75 -0.28 16.64
CA THR B 52 18.99 -1.61 17.18
C THR B 52 17.86 -2.22 17.98
N SER B 53 17.06 -1.37 18.62
CA SER B 53 15.96 -1.84 19.45
C SER B 53 14.88 -2.57 18.66
N LEU B 54 14.61 -3.80 19.08
CA LEU B 54 13.61 -4.62 18.44
C LEU B 54 12.28 -4.47 19.16
N GLU B 55 11.20 -4.19 18.44
CA GLU B 55 9.89 -4.08 19.06
C GLU B 55 9.54 -5.45 19.63
N THR B 56 8.90 -5.48 20.79
CA THR B 56 8.55 -6.73 21.46
C THR B 56 7.96 -7.85 20.58
N GLY B 57 6.78 -7.60 20.00
CA GLY B 57 6.15 -8.62 19.18
C GLY B 57 6.85 -8.96 17.87
N VAL B 58 8.09 -8.54 17.72
CA VAL B 58 8.81 -8.81 16.49
C VAL B 58 9.77 -10.00 16.61
N PRO B 59 9.67 -10.95 15.66
CA PRO B 59 10.49 -12.16 15.61
C PRO B 59 11.98 -11.84 15.69
N SER B 60 12.69 -12.62 16.49
CA SER B 60 14.12 -12.43 16.69
C SER B 60 14.99 -12.53 15.44
N ARG B 61 14.45 -13.09 14.35
CA ARG B 61 15.24 -13.22 13.14
C ARG B 61 15.46 -11.86 12.47
N PHE B 62 14.71 -10.86 12.91
CA PHE B 62 14.87 -9.50 12.40
C PHE B 62 15.89 -8.79 13.29
N SER B 63 16.79 -8.02 12.69
CA SER B 63 17.78 -7.27 13.46
C SER B 63 18.28 -6.12 12.61
N GLY B 64 18.81 -5.10 13.26
CA GLY B 64 19.32 -3.96 12.53
C GLY B 64 20.60 -3.43 13.14
N SER B 65 21.38 -2.73 12.34
CA SER B 65 22.61 -2.16 12.84
C SER B 65 23.13 -1.08 11.91
N GLY B 66 24.25 -0.47 12.31
CA GLY B 66 24.85 0.58 11.53
C GLY B 66 25.07 1.81 12.39
N SER B 67 25.57 2.87 11.78
CA SER B 67 25.83 4.11 12.49
C SER B 67 26.10 5.26 11.54
N GLY B 68 26.18 6.45 12.12
CA GLY B 68 26.43 7.62 11.33
C GLY B 68 25.36 7.84 10.28
N LYS B 69 25.62 7.36 9.06
CA LYS B 69 24.67 7.54 7.97
C LYS B 69 24.27 6.23 7.31
N ASP B 70 24.91 5.14 7.69
CA ASP B 70 24.61 3.85 7.09
C ASP B 70 24.03 2.81 8.02
N TYR B 71 22.82 2.35 7.68
CA TYR B 71 22.14 1.35 8.48
C TYR B 71 21.67 0.18 7.63
N THR B 72 21.46 -0.95 8.29
CA THR B 72 21.00 -2.14 7.59
C THR B 72 20.05 -2.99 8.45
N LEU B 73 19.04 -3.54 7.79
CA LEU B 73 18.09 -4.43 8.44
C LEU B 73 18.47 -5.83 7.96
N SER B 74 18.43 -6.81 8.85
CA SER B 74 18.77 -8.17 8.46
C SER B 74 17.73 -9.18 8.88
N ILE B 75 17.35 -10.03 7.94
CA ILE B 75 16.38 -11.06 8.21
C ILE B 75 17.01 -12.41 7.90
N THR B 76 17.09 -13.26 8.92
CA THR B 76 17.66 -14.58 8.78
C THR B 76 16.51 -15.56 8.42
N SER B 77 16.86 -16.72 7.88
CA SER B 77 15.86 -17.73 7.50
C SER B 77 14.51 -17.12 7.13
N LEU B 78 14.52 -16.31 6.08
CA LEU B 78 13.33 -15.64 5.59
C LEU B 78 12.11 -16.55 5.55
N GLN B 79 10.99 -16.07 6.10
CA GLN B 79 9.72 -16.81 6.12
C GLN B 79 8.84 -16.19 5.03
N THR B 80 7.85 -16.92 4.56
CA THR B 80 6.98 -16.38 3.53
C THR B 80 6.22 -15.15 4.04
N GLU B 81 5.88 -15.14 5.32
CA GLU B 81 5.15 -14.01 5.89
C GLU B 81 6.06 -12.78 5.88
N ASP B 82 7.35 -13.00 5.73
CA ASP B 82 8.30 -11.91 5.70
C ASP B 82 8.34 -11.20 4.36
N VAL B 83 7.69 -11.73 3.34
CA VAL B 83 7.72 -11.06 2.06
C VAL B 83 6.83 -9.82 2.11
N ALA B 84 7.44 -8.65 1.96
CA ALA B 84 6.70 -7.38 2.00
C ALA B 84 7.61 -6.21 1.62
N THR B 85 7.20 -4.98 1.92
CA THR B 85 8.06 -3.84 1.60
C THR B 85 8.65 -3.32 2.91
N TYR B 86 9.91 -2.93 2.90
CA TYR B 86 10.56 -2.41 4.09
C TYR B 86 11.01 -0.98 3.87
N TYR B 87 10.72 -0.15 4.87
CA TYR B 87 11.06 1.27 4.82
C TYR B 87 11.93 1.64 6.01
N CYS B 88 12.89 2.53 5.78
CA CYS B 88 13.73 3.02 6.86
C CYS B 88 13.18 4.43 7.08
N GLN B 89 13.30 4.94 8.30
CA GLN B 89 12.82 6.29 8.62
C GLN B 89 13.72 6.93 9.65
N GLN B 90 13.94 8.21 9.47
CA GLN B 90 14.81 8.93 10.38
C GLN B 90 13.99 9.79 11.34
N PHE B 91 14.41 9.85 12.60
CA PHE B 91 13.71 10.69 13.57
C PHE B 91 14.68 11.52 14.39
N TRP B 92 15.74 11.96 13.72
CA TRP B 92 16.76 12.80 14.33
C TRP B 92 16.22 14.21 14.38
N SER B 93 15.67 14.68 13.27
CA SER B 93 15.10 16.02 13.22
C SER B 93 13.97 16.13 12.20
N ALA B 94 12.98 16.96 12.52
CA ALA B 94 11.85 17.17 11.62
C ALA B 94 12.36 18.01 10.46
N PRO B 95 11.75 17.87 9.27
CA PRO B 95 10.64 16.97 8.96
C PRO B 95 11.12 15.53 8.95
N TYR B 96 10.39 14.65 9.61
CA TYR B 96 10.75 13.23 9.61
C TYR B 96 10.60 12.72 8.18
N THR B 97 11.51 11.85 7.75
CA THR B 97 11.46 11.35 6.38
C THR B 97 11.78 9.87 6.27
N PHE B 98 11.13 9.22 5.31
CA PHE B 98 11.33 7.79 5.10
C PHE B 98 12.13 7.49 3.84
N GLY B 99 12.64 6.26 3.76
CA GLY B 99 13.36 5.83 2.56
C GLY B 99 12.29 5.48 1.52
N GLY B 100 12.69 5.34 0.26
CA GLY B 100 11.73 5.01 -0.80
C GLY B 100 11.17 3.62 -0.72
N GLY B 101 11.72 2.79 0.18
CA GLY B 101 11.23 1.43 0.35
C GLY B 101 11.89 0.36 -0.51
N THR B 102 11.94 -0.85 0.04
CA THR B 102 12.52 -1.99 -0.64
C THR B 102 11.50 -3.12 -0.59
N LYS B 103 11.06 -3.56 -1.76
CA LYS B 103 10.08 -4.63 -1.83
C LYS B 103 10.73 -5.99 -2.02
N LEU B 104 10.30 -6.96 -1.23
CA LEU B 104 10.83 -8.31 -1.35
C LEU B 104 9.85 -9.18 -2.15
N GLU B 105 10.40 -9.91 -3.10
CA GLU B 105 9.62 -10.79 -3.98
C GLU B 105 10.29 -12.16 -3.91
N ILE B 106 9.53 -13.24 -4.09
CA ILE B 106 10.14 -14.57 -4.06
C ILE B 106 10.53 -14.99 -5.47
N LYS B 107 11.76 -15.48 -5.61
CA LYS B 107 12.30 -15.91 -6.90
C LYS B 107 11.79 -17.28 -7.33
N ARG B 108 11.60 -17.46 -8.64
CA ARG B 108 11.14 -18.73 -9.17
C ARG B 108 11.54 -18.85 -10.64
N ALA B 109 11.35 -20.03 -11.21
CA ALA B 109 11.72 -20.25 -12.61
C ALA B 109 10.93 -19.30 -13.52
N ASP B 110 11.46 -19.06 -14.72
CA ASP B 110 10.79 -18.20 -15.68
C ASP B 110 9.47 -18.86 -16.07
N ALA B 111 8.51 -18.06 -16.52
CA ALA B 111 7.21 -18.57 -16.94
C ALA B 111 6.62 -17.60 -17.95
N ALA B 112 6.33 -18.10 -19.16
CA ALA B 112 5.75 -17.22 -20.17
C ALA B 112 4.30 -16.91 -19.81
N PRO B 113 3.82 -15.73 -20.19
CA PRO B 113 2.43 -15.41 -19.85
C PRO B 113 1.41 -16.18 -20.70
N THR B 114 0.24 -16.43 -20.13
CA THR B 114 -0.81 -17.09 -20.89
C THR B 114 -1.68 -15.94 -21.38
N VAL B 115 -1.67 -15.70 -22.69
CA VAL B 115 -2.42 -14.60 -23.27
C VAL B 115 -3.79 -14.96 -23.86
N SER B 116 -4.79 -14.19 -23.46
CA SER B 116 -6.16 -14.37 -23.94
C SER B 116 -6.74 -12.99 -24.29
N ILE B 117 -7.35 -12.89 -25.47
CA ILE B 117 -7.95 -11.65 -25.95
C ILE B 117 -9.46 -11.78 -26.11
N PHE B 118 -10.17 -10.73 -25.75
CA PHE B 118 -11.64 -10.72 -25.82
C PHE B 118 -12.24 -9.49 -26.50
N PRO B 119 -13.16 -9.71 -27.45
CA PRO B 119 -13.84 -8.64 -28.19
C PRO B 119 -14.90 -8.02 -27.31
N PRO B 120 -15.39 -6.82 -27.65
CA PRO B 120 -16.42 -6.20 -26.82
C PRO B 120 -17.66 -7.09 -26.76
N SER B 121 -18.29 -7.15 -25.60
CA SER B 121 -19.50 -7.94 -25.44
C SER B 121 -20.62 -7.18 -26.13
N SER B 122 -21.71 -7.88 -26.44
CA SER B 122 -22.85 -7.27 -27.10
C SER B 122 -23.49 -6.23 -26.18
N GLU B 123 -23.58 -6.59 -24.90
CA GLU B 123 -24.17 -5.72 -23.87
C GLU B 123 -23.56 -4.33 -23.89
N GLN B 124 -22.23 -4.28 -23.99
CA GLN B 124 -21.52 -3.01 -23.99
C GLN B 124 -21.73 -2.22 -25.28
N LEU B 125 -21.71 -2.91 -26.41
CA LEU B 125 -21.91 -2.25 -27.70
C LEU B 125 -23.25 -1.52 -27.73
N THR B 126 -24.23 -2.08 -27.04
CA THR B 126 -25.56 -1.50 -26.98
C THR B 126 -25.50 -0.10 -26.36
N SER B 127 -24.44 0.18 -25.60
CA SER B 127 -24.31 1.48 -24.97
C SER B 127 -23.34 2.42 -25.67
N GLY B 128 -22.90 2.05 -26.88
CA GLY B 128 -21.99 2.89 -27.63
C GLY B 128 -20.51 2.69 -27.32
N GLY B 129 -20.20 1.94 -26.28
CA GLY B 129 -18.80 1.71 -25.93
C GLY B 129 -18.25 0.45 -26.57
N ALA B 130 -16.93 0.37 -26.68
CA ALA B 130 -16.26 -0.78 -27.26
C ALA B 130 -14.93 -1.04 -26.57
N SER B 131 -14.91 -2.06 -25.72
CA SER B 131 -13.71 -2.42 -24.98
C SER B 131 -13.16 -3.78 -25.33
N VAL B 132 -11.88 -3.82 -25.73
CA VAL B 132 -11.20 -5.07 -26.05
C VAL B 132 -10.35 -5.39 -24.82
N VAL B 133 -10.55 -6.56 -24.23
CA VAL B 133 -9.80 -6.93 -23.04
C VAL B 133 -8.76 -7.99 -23.33
N CYS B 134 -7.64 -7.90 -22.63
CA CYS B 134 -6.56 -8.87 -22.79
C CYS B 134 -5.87 -9.24 -21.48
N PHE B 135 -5.90 -10.53 -21.14
CA PHE B 135 -5.26 -11.04 -19.93
C PHE B 135 -3.92 -11.70 -20.23
N LEU B 136 -2.89 -11.37 -19.45
CA LEU B 136 -1.57 -11.98 -19.58
C LEU B 136 -1.36 -12.60 -18.22
N ASN B 137 -1.69 -13.88 -18.08
CA ASN B 137 -1.61 -14.53 -16.78
C ASN B 137 -0.48 -15.49 -16.43
N ASN B 138 -0.15 -15.48 -15.13
CA ASN B 138 0.86 -16.33 -14.50
C ASN B 138 2.22 -16.37 -15.18
N PHE B 139 2.87 -15.21 -15.23
CA PHE B 139 4.17 -15.09 -15.84
C PHE B 139 5.20 -14.62 -14.82
N TYR B 140 6.47 -14.97 -15.05
CA TYR B 140 7.56 -14.56 -14.17
C TYR B 140 8.81 -14.44 -15.05
N PRO B 141 9.64 -13.41 -14.83
CA PRO B 141 9.53 -12.33 -13.84
C PRO B 141 8.39 -11.34 -14.10
N LYS B 142 8.20 -10.41 -13.17
CA LYS B 142 7.14 -9.39 -13.20
C LYS B 142 7.14 -8.37 -14.34
N ASP B 143 8.30 -8.15 -14.97
CA ASP B 143 8.36 -7.16 -16.03
C ASP B 143 7.73 -7.66 -17.30
N ILE B 144 6.86 -6.85 -17.89
CA ILE B 144 6.19 -7.27 -19.10
C ILE B 144 5.67 -6.04 -19.84
N ASN B 145 5.51 -6.16 -21.15
CA ASN B 145 5.06 -5.04 -21.95
C ASN B 145 3.97 -5.48 -22.91
N VAL B 146 2.87 -4.72 -22.91
CA VAL B 146 1.76 -5.03 -23.80
C VAL B 146 1.61 -3.91 -24.83
N LYS B 147 1.37 -4.29 -26.08
CA LYS B 147 1.20 -3.32 -27.13
C LYS B 147 -0.06 -3.67 -27.91
N TRP B 148 -0.84 -2.66 -28.28
CA TRP B 148 -2.06 -2.89 -29.05
C TRP B 148 -1.88 -2.45 -30.50
N LYS B 149 -2.46 -3.23 -31.42
CA LYS B 149 -2.38 -2.91 -32.82
C LYS B 149 -3.73 -3.07 -33.51
N ILE B 150 -4.18 -2.01 -34.18
CA ILE B 150 -5.45 -2.03 -34.89
C ILE B 150 -5.15 -2.15 -36.39
N ASP B 151 -5.57 -3.27 -36.98
CA ASP B 151 -5.36 -3.56 -38.39
C ASP B 151 -3.88 -3.62 -38.72
N GLY B 152 -3.04 -3.30 -37.73
CA GLY B 152 -1.61 -3.34 -37.95
C GLY B 152 -0.89 -2.12 -37.41
N SER B 153 -1.66 -1.14 -36.95
CA SER B 153 -1.03 0.07 -36.42
C SER B 153 -1.04 0.04 -34.90
N GLU B 154 0.02 0.56 -34.29
CA GLU B 154 0.11 0.59 -32.84
C GLU B 154 -0.72 1.74 -32.28
N ARG B 155 -1.55 1.45 -31.28
CA ARG B 155 -2.37 2.48 -30.67
C ARG B 155 -1.98 2.62 -29.20
N GLN B 156 -2.09 3.83 -28.66
CA GLN B 156 -1.74 4.06 -27.27
C GLN B 156 -2.85 4.70 -26.45
N ASN B 157 -3.84 5.26 -27.14
CA ASN B 157 -4.94 5.92 -26.46
C ASN B 157 -6.15 5.04 -26.20
N GLY B 158 -6.64 5.12 -24.96
CA GLY B 158 -7.80 4.33 -24.56
C GLY B 158 -7.41 3.03 -23.89
N VAL B 159 -6.13 2.88 -23.60
CA VAL B 159 -5.64 1.67 -22.97
C VAL B 159 -5.45 1.86 -21.47
N LEU B 160 -6.04 0.95 -20.70
CA LEU B 160 -5.93 0.97 -19.24
C LEU B 160 -5.40 -0.38 -18.79
N ASN B 161 -4.33 -0.36 -17.99
CA ASN B 161 -3.69 -1.57 -17.50
C ASN B 161 -3.74 -1.73 -15.99
N SER B 162 -3.69 -2.98 -15.55
CA SER B 162 -3.72 -3.29 -14.13
C SER B 162 -2.88 -4.55 -13.92
N TRP B 163 -2.15 -4.59 -12.80
CA TRP B 163 -1.28 -5.72 -12.48
C TRP B 163 -1.63 -6.28 -11.11
N THR B 164 -1.33 -7.55 -10.89
CA THR B 164 -1.59 -8.19 -9.59
C THR B 164 -0.26 -8.40 -8.89
N ASP B 165 -0.29 -8.53 -7.56
CA ASP B 165 0.92 -8.77 -6.78
C ASP B 165 1.31 -10.23 -6.98
N GLN B 166 2.51 -10.57 -6.53
CA GLN B 166 2.99 -11.93 -6.67
C GLN B 166 2.03 -12.87 -5.96
N ASP B 167 1.67 -13.94 -6.67
CA ASP B 167 0.74 -14.94 -6.17
C ASP B 167 1.36 -15.74 -5.04
N SER B 168 0.67 -15.75 -3.90
CA SER B 168 1.14 -16.47 -2.73
C SER B 168 1.38 -17.95 -3.02
N LYS B 169 0.69 -18.47 -4.02
CA LYS B 169 0.84 -19.88 -4.38
C LYS B 169 1.94 -20.20 -5.40
N ASP B 170 1.77 -19.79 -6.65
CA ASP B 170 2.78 -20.10 -7.65
C ASP B 170 3.88 -19.06 -7.86
N SER B 171 3.81 -17.95 -7.13
CA SER B 171 4.81 -16.88 -7.23
C SER B 171 4.87 -16.14 -8.57
N THR B 172 3.85 -16.28 -9.41
CA THR B 172 3.86 -15.59 -10.70
C THR B 172 3.15 -14.25 -10.56
N TYR B 173 2.95 -13.59 -11.70
CA TYR B 173 2.29 -12.30 -11.75
C TYR B 173 1.27 -12.30 -12.88
N SER B 174 0.34 -11.36 -12.87
CA SER B 174 -0.67 -11.30 -13.93
C SER B 174 -0.98 -9.86 -14.34
N MET B 175 -1.52 -9.72 -15.54
CA MET B 175 -1.83 -8.41 -16.03
C MET B 175 -3.08 -8.40 -16.90
N SER B 176 -3.74 -7.25 -16.91
CA SER B 176 -4.94 -7.05 -17.68
C SER B 176 -4.77 -5.76 -18.46
N SER B 177 -4.98 -5.83 -19.76
CA SER B 177 -4.89 -4.64 -20.60
C SER B 177 -6.21 -4.41 -21.34
N THR B 178 -6.79 -3.24 -21.17
CA THR B 178 -8.05 -2.93 -21.83
C THR B 178 -7.96 -1.77 -22.82
N LEU B 179 -8.38 -2.02 -24.06
CA LEU B 179 -8.41 -0.99 -25.10
C LEU B 179 -9.87 -0.57 -25.22
N THR B 180 -10.16 0.68 -24.92
CA THR B 180 -11.53 1.19 -24.97
C THR B 180 -11.69 2.32 -25.99
N LEU B 181 -12.65 2.15 -26.90
CA LEU B 181 -12.91 3.17 -27.93
C LEU B 181 -14.39 3.19 -28.36
N THR B 182 -14.86 4.33 -28.86
CA THR B 182 -16.25 4.46 -29.29
C THR B 182 -16.67 3.34 -30.23
N LYS B 183 -17.91 2.88 -30.09
CA LYS B 183 -18.46 1.81 -30.93
C LYS B 183 -18.27 2.10 -32.41
N ASP B 184 -18.33 3.38 -32.77
CA ASP B 184 -18.17 3.78 -34.16
C ASP B 184 -16.72 3.57 -34.63
N GLU B 185 -15.77 3.90 -33.77
CA GLU B 185 -14.35 3.72 -34.06
C GLU B 185 -14.09 2.22 -34.19
N TYR B 186 -14.61 1.46 -33.23
CA TYR B 186 -14.46 0.02 -33.21
C TYR B 186 -14.88 -0.62 -34.51
N GLU B 187 -16.04 -0.22 -35.02
CA GLU B 187 -16.55 -0.79 -36.25
C GLU B 187 -15.88 -0.21 -37.48
N ARG B 188 -15.08 0.83 -37.28
CA ARG B 188 -14.38 1.48 -38.36
C ARG B 188 -13.17 0.68 -38.82
N HIS B 189 -12.65 -0.17 -37.94
CA HIS B 189 -11.50 -1.00 -38.27
C HIS B 189 -11.86 -2.47 -38.29
N ASN B 190 -10.87 -3.34 -38.37
CA ASN B 190 -11.16 -4.77 -38.41
C ASN B 190 -10.31 -5.68 -37.52
N SER B 191 -8.99 -5.65 -37.71
CA SER B 191 -8.10 -6.50 -36.91
C SER B 191 -7.64 -5.86 -35.61
N TYR B 192 -7.82 -6.59 -34.52
CA TYR B 192 -7.40 -6.10 -33.21
C TYR B 192 -6.42 -7.08 -32.62
N THR B 193 -5.21 -6.61 -32.38
CA THR B 193 -4.16 -7.45 -31.84
C THR B 193 -3.59 -6.98 -30.50
N CYS B 194 -3.16 -7.97 -29.72
CA CYS B 194 -2.59 -7.74 -28.42
C CYS B 194 -1.19 -8.38 -28.45
N GLU B 195 -0.16 -7.60 -28.15
CA GLU B 195 1.23 -8.11 -28.18
C GLU B 195 2.00 -8.07 -26.87
N ALA B 196 2.42 -9.24 -26.41
CA ALA B 196 3.17 -9.33 -25.16
C ALA B 196 4.67 -9.55 -25.37
N THR B 197 5.46 -8.69 -24.75
CA THR B 197 6.90 -8.73 -24.80
C THR B 197 7.35 -9.17 -23.41
N HIS B 198 8.13 -10.25 -23.35
CA HIS B 198 8.56 -10.74 -22.05
C HIS B 198 9.86 -11.54 -22.13
N LYS B 199 10.64 -11.52 -21.05
CA LYS B 199 11.90 -12.24 -20.97
C LYS B 199 11.86 -13.63 -21.60
N THR B 200 10.76 -14.35 -21.38
CA THR B 200 10.61 -15.71 -21.89
C THR B 200 10.70 -15.98 -23.40
N SER B 201 10.80 -14.93 -24.21
CA SER B 201 10.92 -15.14 -25.65
C SER B 201 11.43 -13.93 -26.40
N THR B 202 12.25 -14.15 -27.41
CA THR B 202 12.81 -13.05 -28.19
C THR B 202 11.67 -12.41 -28.99
N SER B 203 10.79 -13.25 -29.47
CA SER B 203 9.64 -12.83 -30.25
C SER B 203 8.44 -12.66 -29.30
N PRO B 204 7.68 -11.56 -29.45
CA PRO B 204 6.51 -11.31 -28.58
C PRO B 204 5.35 -12.24 -28.88
N ILE B 205 4.55 -12.52 -27.85
CA ILE B 205 3.39 -13.39 -28.02
C ILE B 205 2.21 -12.57 -28.57
N VAL B 206 1.58 -13.09 -29.61
CA VAL B 206 0.49 -12.39 -30.25
C VAL B 206 -0.84 -13.13 -30.28
N LYS B 207 -1.89 -12.43 -29.87
CA LYS B 207 -3.25 -12.95 -29.89
C LYS B 207 -4.06 -11.91 -30.65
N SER B 208 -4.97 -12.36 -31.51
CA SER B 208 -5.74 -11.42 -32.31
C SER B 208 -7.07 -12.00 -32.78
N PHE B 209 -7.93 -11.12 -33.29
CA PHE B 209 -9.22 -11.53 -33.81
C PHE B 209 -9.76 -10.48 -34.78
N ASN B 210 -10.46 -10.94 -35.82
CA ASN B 210 -11.03 -10.06 -36.83
C ASN B 210 -12.47 -9.73 -36.45
N ARG B 211 -12.80 -8.45 -36.50
CA ARG B 211 -14.13 -7.97 -36.14
C ARG B 211 -15.26 -8.53 -36.99
N ASN B 212 -15.03 -8.62 -38.30
CA ASN B 212 -16.04 -9.12 -39.23
C ASN B 212 -16.52 -10.54 -38.89
N GLU B 213 -15.68 -11.52 -39.17
CA GLU B 213 -15.99 -12.91 -38.91
C GLU B 213 -16.26 -13.13 -37.43
N CYS B 214 -16.65 -14.35 -37.07
CA CYS B 214 -16.93 -14.69 -35.68
C CYS B 214 -15.63 -14.91 -34.92
N GLU C 1 -5.19 -3.40 24.53
CA GLU C 1 -3.95 -2.65 24.19
C GLU C 1 -4.28 -1.40 23.36
N VAL C 2 -3.23 -0.73 22.89
CA VAL C 2 -3.39 0.47 22.08
C VAL C 2 -3.99 0.16 20.72
N GLN C 3 -4.99 0.94 20.32
CA GLN C 3 -5.63 0.75 19.03
C GLN C 3 -6.24 2.05 18.50
N LEU C 4 -5.93 2.34 17.25
CA LEU C 4 -6.41 3.54 16.59
C LEU C 4 -7.39 3.21 15.48
N GLN C 5 -8.52 3.92 15.47
CA GLN C 5 -9.56 3.74 14.47
C GLN C 5 -9.52 4.92 13.51
N GLN C 6 -9.80 4.69 12.24
CA GLN C 6 -9.80 5.79 11.27
C GLN C 6 -11.05 5.77 10.37
N SER C 7 -11.48 6.97 9.96
CA SER C 7 -12.65 7.15 9.09
C SER C 7 -12.86 6.06 8.03
N GLY C 8 -11.77 5.45 7.55
CA GLY C 8 -11.89 4.40 6.55
C GLY C 8 -11.87 4.81 5.08
N ALA C 9 -12.84 5.64 4.67
CA ALA C 9 -12.94 6.11 3.29
C ALA C 9 -13.61 7.48 3.21
N GLU C 10 -13.24 8.28 2.20
CA GLU C 10 -13.79 9.63 2.02
C GLU C 10 -13.83 10.04 0.54
N LEU C 11 -14.96 10.57 0.08
CA LEU C 11 -15.11 11.03 -1.31
C LEU C 11 -15.43 12.52 -1.31
N VAL C 12 -14.48 13.33 -1.74
CA VAL C 12 -14.69 14.77 -1.76
C VAL C 12 -14.33 15.44 -3.08
N LYS C 13 -15.14 16.43 -3.46
CA LYS C 13 -14.96 17.18 -4.70
C LYS C 13 -13.68 18.01 -4.67
N ALA C 14 -13.07 18.18 -5.84
CA ALA C 14 -11.85 18.98 -5.94
C ALA C 14 -12.16 20.42 -5.55
N GLY C 15 -11.30 21.01 -4.72
CA GLY C 15 -11.50 22.38 -4.27
C GLY C 15 -12.11 22.46 -2.89
N ALA C 16 -12.78 21.39 -2.49
CA ALA C 16 -13.42 21.33 -1.18
C ALA C 16 -12.40 21.01 -0.10
N SER C 17 -12.88 20.92 1.13
CA SER C 17 -12.02 20.59 2.27
C SER C 17 -12.57 19.34 2.93
N VAL C 18 -11.75 18.68 3.73
CA VAL C 18 -12.17 17.48 4.44
C VAL C 18 -11.45 17.39 5.79
N LYS C 19 -12.08 16.69 6.73
CA LYS C 19 -11.52 16.53 8.06
C LYS C 19 -11.56 15.06 8.40
N LEU C 20 -10.39 14.47 8.56
CA LEU C 20 -10.31 13.07 8.88
C LEU C 20 -10.17 12.94 10.39
N SER C 21 -10.74 11.88 10.95
CA SER C 21 -10.67 11.67 12.37
C SER C 21 -10.02 10.33 12.69
N CYS C 22 -9.34 10.30 13.82
CA CYS C 22 -8.67 9.10 14.27
C CYS C 22 -8.88 8.92 15.78
N PRO C 23 -9.89 8.12 16.16
CA PRO C 23 -10.16 7.90 17.58
C PRO C 23 -9.21 6.87 18.20
N ALA C 24 -8.66 7.20 19.36
CA ALA C 24 -7.75 6.28 20.04
C ALA C 24 -8.41 5.64 21.24
N SER C 25 -7.95 4.45 21.58
CA SER C 25 -8.47 3.72 22.72
C SER C 25 -7.30 2.87 23.18
N GLY C 26 -7.13 2.73 24.49
CA GLY C 26 -6.04 1.94 25.01
C GLY C 26 -4.91 2.84 25.50
N LEU C 27 -5.05 4.13 25.20
CA LEU C 27 -4.05 5.11 25.64
C LEU C 27 -4.65 6.50 25.64
N ASN C 28 -3.96 7.44 26.29
CA ASN C 28 -4.42 8.81 26.35
C ASN C 28 -3.51 9.67 25.50
N ILE C 29 -4.08 10.23 24.44
CA ILE C 29 -3.31 11.06 23.54
C ILE C 29 -2.68 12.29 24.20
N LYS C 30 -3.04 12.56 25.45
CA LYS C 30 -2.43 13.70 26.14
C LYS C 30 -0.96 13.39 26.37
N ASP C 31 -0.71 12.16 26.78
CA ASP C 31 0.62 11.69 27.10
C ASP C 31 1.57 11.51 25.92
N THR C 32 1.13 11.86 24.71
CA THR C 32 2.00 11.65 23.57
C THR C 32 1.89 12.67 22.42
N TYR C 33 2.48 12.32 21.29
CA TYR C 33 2.43 13.14 20.08
C TYR C 33 1.61 12.36 19.06
N MET C 34 0.62 13.00 18.44
CA MET C 34 -0.18 12.33 17.42
C MET C 34 0.23 12.87 16.06
N HIS C 35 0.64 11.97 15.16
CA HIS C 35 1.11 12.33 13.83
C HIS C 35 0.20 11.87 12.71
N TRP C 36 0.36 12.49 11.54
CA TRP C 36 -0.40 12.09 10.38
C TRP C 36 0.62 11.84 9.28
N VAL C 37 0.41 10.77 8.53
CA VAL C 37 1.31 10.40 7.45
C VAL C 37 0.54 10.11 6.15
N LYS C 38 1.05 10.68 5.06
CA LYS C 38 0.43 10.51 3.76
C LYS C 38 1.18 9.42 2.98
N GLN C 39 0.44 8.63 2.22
CA GLN C 39 1.07 7.58 1.43
C GLN C 39 0.42 7.45 0.08
N ARG C 40 1.26 7.50 -0.94
CA ARG C 40 0.81 7.34 -2.32
C ARG C 40 1.61 6.19 -2.93
N PRO C 41 0.99 5.41 -3.82
CA PRO C 41 1.63 4.27 -4.49
C PRO C 41 2.96 4.67 -5.12
N GLU C 42 2.94 5.81 -5.79
CA GLU C 42 4.10 6.33 -6.49
C GLU C 42 5.19 6.94 -5.61
N GLN C 43 4.84 7.98 -4.86
CA GLN C 43 5.82 8.67 -4.02
C GLN C 43 6.02 8.23 -2.57
N GLY C 44 5.44 7.09 -2.19
CA GLY C 44 5.60 6.57 -0.84
C GLY C 44 5.06 7.34 0.36
N LEU C 45 5.71 7.10 1.51
CA LEU C 45 5.36 7.69 2.81
C LEU C 45 5.86 9.12 3.08
N GLU C 46 4.98 9.97 3.60
CA GLU C 46 5.35 11.35 3.92
C GLU C 46 4.78 11.80 5.26
N TRP C 47 5.65 12.21 6.19
CA TRP C 47 5.22 12.69 7.48
C TRP C 47 4.62 14.09 7.25
N ILE C 48 3.43 14.34 7.77
CA ILE C 48 2.79 15.63 7.58
C ILE C 48 3.05 16.54 8.77
N GLY C 49 2.57 16.14 9.94
CA GLY C 49 2.77 16.95 11.13
C GLY C 49 2.37 16.22 12.40
N ARG C 50 2.57 16.86 13.53
CA ARG C 50 2.22 16.25 14.80
C ARG C 50 1.55 17.26 15.71
N ILE C 51 0.85 16.76 16.72
CA ILE C 51 0.18 17.64 17.65
C ILE C 51 0.35 17.09 19.05
N ASP C 52 0.54 17.99 20.01
CA ASP C 52 0.68 17.61 21.40
C ASP C 52 -0.70 17.88 21.97
N PRO C 53 -1.54 16.84 22.09
CA PRO C 53 -2.89 17.04 22.63
C PRO C 53 -2.92 17.74 23.99
N ALA C 54 -1.80 17.73 24.69
CA ALA C 54 -1.74 18.37 26.01
C ALA C 54 -1.83 19.89 25.92
N ASN C 55 -1.11 20.48 24.97
CA ASN C 55 -1.09 21.93 24.81
C ASN C 55 -1.63 22.43 23.47
N GLY C 56 -1.93 21.51 22.56
CA GLY C 56 -2.44 21.89 21.26
C GLY C 56 -1.41 22.44 20.26
N ASN C 57 -0.13 22.29 20.56
CA ASN C 57 0.92 22.77 19.66
C ASN C 57 1.12 21.80 18.52
N THR C 58 1.46 22.32 17.36
CA THR C 58 1.69 21.49 16.19
C THR C 58 3.03 21.81 15.55
N LYS C 59 3.52 20.87 14.76
CA LYS C 59 4.77 20.99 14.02
C LYS C 59 4.47 20.43 12.65
N PHE C 60 4.78 21.18 11.61
CA PHE C 60 4.50 20.71 10.26
C PHE C 60 5.73 20.68 9.38
N ASP C 61 5.61 19.88 8.32
CA ASP C 61 6.65 19.80 7.32
C ASP C 61 6.19 20.95 6.44
N PRO C 62 6.97 22.04 6.38
CA PRO C 62 6.59 23.19 5.57
C PRO C 62 5.81 22.85 4.29
N LYS C 63 6.16 21.76 3.64
CA LYS C 63 5.48 21.34 2.42
C LYS C 63 3.97 21.18 2.55
N PHE C 64 3.46 21.11 3.78
CA PHE C 64 2.02 20.95 4.00
C PHE C 64 1.34 22.13 4.68
N GLN C 65 2.12 23.17 4.98
CA GLN C 65 1.59 24.37 5.62
C GLN C 65 0.51 25.00 4.73
N GLY C 66 -0.66 25.28 5.29
CA GLY C 66 -1.73 25.84 4.48
C GLY C 66 -2.26 24.82 3.49
N LYS C 67 -2.79 23.73 4.05
CA LYS C 67 -3.35 22.62 3.29
C LYS C 67 -3.70 21.57 4.33
N ALA C 68 -2.94 21.57 5.42
CA ALA C 68 -3.14 20.61 6.50
C ALA C 68 -3.29 21.31 7.85
N THR C 69 -4.33 20.93 8.59
CA THR C 69 -4.57 21.50 9.91
C THR C 69 -4.81 20.37 10.91
N ILE C 70 -3.86 20.16 11.81
CA ILE C 70 -4.00 19.11 12.80
C ILE C 70 -4.56 19.64 14.11
N THR C 71 -5.58 18.96 14.62
CA THR C 71 -6.25 19.34 15.86
C THR C 71 -6.61 18.10 16.67
N ALA C 72 -6.86 18.28 17.96
CA ALA C 72 -7.19 17.14 18.82
C ALA C 72 -8.22 17.44 19.92
N ASP C 73 -8.75 16.37 20.50
CA ASP C 73 -9.72 16.47 21.59
C ASP C 73 -9.37 15.43 22.65
N THR C 74 -8.82 15.89 23.76
CA THR C 74 -8.45 14.98 24.83
C THR C 74 -9.65 14.28 25.45
N SER C 75 -10.81 14.91 25.42
CA SER C 75 -11.99 14.29 26.00
C SER C 75 -12.41 13.06 25.20
N SER C 76 -12.53 13.21 23.89
CA SER C 76 -12.93 12.07 23.04
C SER C 76 -11.73 11.22 22.62
N ASN C 77 -10.54 11.64 23.04
CA ASN C 77 -9.31 10.94 22.73
C ASN C 77 -9.21 10.75 21.22
N THR C 78 -9.46 11.84 20.48
CA THR C 78 -9.45 11.80 19.03
C THR C 78 -8.52 12.85 18.43
N ALA C 79 -7.90 12.49 17.31
CA ALA C 79 -7.00 13.38 16.60
C ALA C 79 -7.65 13.67 15.26
N TYR C 80 -7.41 14.87 14.72
CA TYR C 80 -8.00 15.27 13.48
C TYR C 80 -6.99 15.80 12.48
N LEU C 81 -7.31 15.64 11.20
CA LEU C 81 -6.45 16.09 10.12
C LEU C 81 -7.34 16.79 9.09
N GLN C 82 -7.19 18.10 8.98
CA GLN C 82 -8.00 18.85 8.03
C GLN C 82 -7.19 19.19 6.78
N LEU C 83 -7.80 18.97 5.62
CA LEU C 83 -7.14 19.24 4.36
C LEU C 83 -8.01 20.24 3.59
N SER C 84 -7.41 21.34 3.16
CA SER C 84 -8.17 22.38 2.44
C SER C 84 -7.91 22.46 0.93
N SER C 85 -8.91 22.99 0.21
CA SER C 85 -8.87 23.14 -1.25
C SER C 85 -8.13 21.96 -1.86
N LEU C 86 -8.75 20.79 -1.74
CA LEU C 86 -8.20 19.53 -2.24
C LEU C 86 -7.98 19.53 -3.74
N THR C 87 -6.99 18.76 -4.16
CA THR C 87 -6.65 18.61 -5.59
C THR C 87 -6.35 17.13 -5.75
N SER C 88 -6.25 16.67 -6.99
CA SER C 88 -5.97 15.26 -7.24
C SER C 88 -4.62 14.90 -6.60
N GLU C 89 -3.73 15.88 -6.46
CA GLU C 89 -2.43 15.62 -5.87
C GLU C 89 -2.60 15.23 -4.40
N ASP C 90 -3.78 15.49 -3.84
CA ASP C 90 -4.04 15.17 -2.44
C ASP C 90 -4.62 13.77 -2.23
N THR C 91 -5.23 13.18 -3.25
CA THR C 91 -5.81 11.86 -3.05
C THR C 91 -4.70 10.87 -2.73
N ALA C 92 -4.88 10.15 -1.63
CA ALA C 92 -3.92 9.17 -1.13
C ALA C 92 -4.49 8.50 0.12
N VAL C 93 -3.64 7.74 0.81
CA VAL C 93 -4.04 7.08 2.05
C VAL C 93 -3.44 7.85 3.21
N TYR C 94 -4.26 8.20 4.19
CA TYR C 94 -3.79 8.94 5.34
C TYR C 94 -3.81 8.15 6.65
N TYR C 95 -2.65 8.04 7.27
CA TYR C 95 -2.49 7.33 8.53
C TYR C 95 -2.20 8.32 9.64
N CYS C 96 -2.65 7.98 10.84
CA CYS C 96 -2.37 8.79 12.02
C CYS C 96 -1.62 7.78 12.91
N ALA C 97 -0.65 8.25 13.67
CA ALA C 97 0.12 7.37 14.50
C ALA C 97 0.62 8.06 15.76
N ARG C 98 0.99 7.25 16.74
CA ARG C 98 1.48 7.75 18.00
C ARG C 98 3.02 7.71 17.98
N GLY C 99 3.67 8.61 18.72
CA GLY C 99 5.12 8.60 18.74
C GLY C 99 5.83 9.78 19.38
N VAL C 100 5.89 9.81 20.70
CA VAL C 100 6.55 10.92 21.36
C VAL C 100 7.97 11.14 20.89
N PHE C 101 8.65 10.07 20.53
CA PHE C 101 10.04 10.18 20.09
C PHE C 101 10.27 10.53 18.61
N GLY C 102 9.32 10.24 17.74
CA GLY C 102 9.54 10.56 16.34
C GLY C 102 9.31 9.38 15.41
N PHE C 103 9.41 8.17 15.94
CA PHE C 103 9.13 7.01 15.11
C PHE C 103 7.72 6.65 15.51
N PHE C 104 7.10 5.71 14.80
CA PHE C 104 5.71 5.39 15.08
C PHE C 104 5.41 3.93 15.38
N ASP C 105 5.22 3.63 16.66
CA ASP C 105 4.93 2.27 17.08
C ASP C 105 3.48 1.83 17.00
N TYR C 106 2.55 2.77 16.87
CA TYR C 106 1.14 2.43 16.75
C TYR C 106 0.48 3.23 15.63
N TRP C 107 -0.15 2.51 14.71
CA TRP C 107 -0.78 3.12 13.57
C TRP C 107 -2.26 2.83 13.49
N GLY C 108 -2.96 3.64 12.70
CA GLY C 108 -4.38 3.44 12.49
C GLY C 108 -4.39 2.66 11.19
N GLN C 109 -5.44 1.91 10.92
CA GLN C 109 -5.49 1.12 9.69
C GLN C 109 -5.48 2.01 8.45
N GLY C 110 -5.70 3.31 8.63
CA GLY C 110 -5.69 4.22 7.50
C GLY C 110 -7.04 4.56 6.85
N THR C 111 -7.11 5.76 6.27
CA THR C 111 -8.31 6.25 5.61
C THR C 111 -7.96 6.68 4.19
N THR C 112 -8.60 6.04 3.22
CA THR C 112 -8.37 6.36 1.82
C THR C 112 -9.18 7.60 1.45
N LEU C 113 -8.52 8.57 0.82
CA LEU C 113 -9.18 9.80 0.39
C LEU C 113 -9.08 9.92 -1.11
N THR C 114 -10.22 9.90 -1.79
CA THR C 114 -10.22 10.02 -3.24
C THR C 114 -10.81 11.36 -3.65
N VAL C 115 -10.02 12.21 -4.28
CA VAL C 115 -10.50 13.52 -4.71
C VAL C 115 -11.17 13.38 -6.06
N SER C 116 -12.50 13.30 -6.04
CA SER C 116 -13.27 13.13 -7.25
C SER C 116 -14.52 14.01 -7.24
N SER C 117 -15.21 14.04 -8.36
CA SER C 117 -16.43 14.82 -8.50
C SER C 117 -17.49 13.82 -8.94
N ALA C 118 -17.07 12.56 -9.03
CA ALA C 118 -17.97 11.51 -9.44
C ALA C 118 -19.05 11.36 -8.40
N LYS C 119 -20.12 10.66 -8.77
CA LYS C 119 -21.24 10.42 -7.87
C LYS C 119 -21.36 8.90 -7.71
N THR C 120 -22.09 8.43 -6.70
CA THR C 120 -22.25 6.99 -6.54
C THR C 120 -22.94 6.48 -7.81
N THR C 121 -22.25 5.61 -8.55
CA THR C 121 -22.75 5.09 -9.79
C THR C 121 -22.69 3.57 -9.83
N ALA C 122 -23.80 2.92 -10.17
CA ALA C 122 -23.84 1.46 -10.26
C ALA C 122 -22.87 0.99 -11.36
N PRO C 123 -22.35 -0.24 -11.28
CA PRO C 123 -21.42 -0.73 -12.32
C PRO C 123 -22.13 -1.39 -13.48
N SER C 124 -21.42 -1.52 -14.58
CA SER C 124 -21.95 -2.20 -15.75
C SER C 124 -21.08 -3.45 -15.86
N VAL C 125 -21.72 -4.61 -15.92
CA VAL C 125 -21.00 -5.87 -16.02
C VAL C 125 -21.08 -6.50 -17.40
N TYR C 126 -19.92 -6.67 -18.02
CA TYR C 126 -19.82 -7.24 -19.36
C TYR C 126 -19.13 -8.59 -19.32
N PRO C 127 -19.68 -9.57 -20.03
CA PRO C 127 -19.12 -10.92 -20.09
C PRO C 127 -17.92 -10.97 -21.03
N LEU C 128 -17.00 -11.89 -20.76
CA LEU C 128 -15.82 -12.05 -21.60
C LEU C 128 -15.70 -13.50 -22.05
N ALA C 129 -16.11 -13.75 -23.29
CA ALA C 129 -16.05 -15.10 -23.85
C ALA C 129 -15.18 -15.13 -25.09
N PRO C 130 -14.53 -16.28 -25.34
CA PRO C 130 -13.64 -16.49 -26.49
C PRO C 130 -14.38 -16.35 -27.82
N VAL C 131 -13.62 -16.24 -28.90
CA VAL C 131 -14.21 -16.13 -30.24
C VAL C 131 -14.31 -17.53 -30.86
N CYS C 132 -14.46 -17.58 -32.20
CA CYS C 132 -14.56 -18.85 -32.92
C CYS C 132 -13.18 -19.52 -32.98
N GLY C 133 -12.18 -18.77 -33.43
CA GLY C 133 -10.83 -19.30 -33.52
C GLY C 133 -10.31 -19.73 -32.17
N ASP C 134 -10.92 -19.18 -31.11
CA ASP C 134 -10.53 -19.48 -29.75
C ASP C 134 -11.44 -20.53 -29.11
N THR C 135 -10.92 -21.75 -29.00
CA THR C 135 -11.60 -22.92 -28.42
C THR C 135 -10.87 -24.18 -28.90
N THR C 136 -9.61 -24.34 -28.46
CA THR C 136 -8.79 -25.47 -28.85
C THR C 136 -7.92 -26.05 -27.72
N GLY C 137 -7.38 -25.17 -26.88
CA GLY C 137 -6.53 -25.61 -25.78
C GLY C 137 -7.19 -26.57 -24.81
N SER C 138 -6.43 -26.98 -23.79
CA SER C 138 -6.92 -27.90 -22.76
C SER C 138 -7.72 -27.17 -21.68
N SER C 139 -7.31 -25.94 -21.38
CA SER C 139 -8.00 -25.12 -20.39
C SER C 139 -8.44 -23.84 -21.10
N VAL C 140 -9.65 -23.38 -20.82
CA VAL C 140 -10.17 -22.17 -21.43
C VAL C 140 -10.21 -21.04 -20.41
N THR C 141 -10.22 -19.81 -20.88
CA THR C 141 -10.25 -18.67 -19.97
C THR C 141 -11.40 -17.72 -20.28
N LEU C 142 -12.19 -17.44 -19.26
CA LEU C 142 -13.33 -16.55 -19.37
C LEU C 142 -13.04 -15.35 -18.49
N GLY C 143 -13.75 -14.25 -18.72
CA GLY C 143 -13.52 -13.07 -17.91
C GLY C 143 -14.75 -12.23 -17.68
N CYS C 144 -14.55 -11.12 -16.99
CA CYS C 144 -15.61 -10.20 -16.67
C CYS C 144 -15.11 -8.77 -16.65
N LEU C 145 -15.76 -7.89 -17.38
CA LEU C 145 -15.36 -6.50 -17.41
C LEU C 145 -16.36 -5.65 -16.63
N VAL C 146 -16.00 -5.25 -15.40
CA VAL C 146 -16.89 -4.42 -14.57
C VAL C 146 -16.47 -2.97 -14.82
N LYS C 147 -17.32 -2.20 -15.51
CA LYS C 147 -16.96 -0.83 -15.85
C LYS C 147 -17.96 0.28 -15.50
N GLY C 148 -17.42 1.48 -15.29
CA GLY C 148 -18.23 2.65 -14.99
C GLY C 148 -18.86 2.81 -13.61
N TYR C 149 -18.23 2.28 -12.57
CA TYR C 149 -18.82 2.42 -11.24
C TYR C 149 -18.03 3.35 -10.36
N PHE C 150 -18.64 3.74 -9.24
CA PHE C 150 -18.03 4.65 -8.29
C PHE C 150 -18.89 4.67 -7.03
N PRO C 151 -18.27 4.65 -5.85
CA PRO C 151 -16.83 4.59 -5.63
C PRO C 151 -16.50 3.12 -5.40
N GLU C 152 -15.29 2.84 -4.92
CA GLU C 152 -14.87 1.47 -4.64
C GLU C 152 -15.48 1.04 -3.31
N PRO C 153 -15.49 -0.28 -3.00
CA PRO C 153 -14.99 -1.43 -3.78
C PRO C 153 -16.09 -2.25 -4.43
N VAL C 154 -15.69 -3.13 -5.35
CA VAL C 154 -16.64 -4.02 -6.02
C VAL C 154 -16.09 -5.43 -5.90
N THR C 155 -16.55 -6.17 -4.91
CA THR C 155 -16.08 -7.53 -4.75
C THR C 155 -16.55 -8.31 -5.98
N LEU C 156 -15.99 -9.50 -6.17
CA LEU C 156 -16.32 -10.27 -7.34
C LEU C 156 -15.98 -11.73 -7.09
N THR C 157 -16.86 -12.63 -7.50
CA THR C 157 -16.61 -14.06 -7.32
C THR C 157 -17.13 -14.83 -8.52
N TRP C 158 -16.79 -16.11 -8.58
CA TRP C 158 -17.25 -16.96 -9.68
C TRP C 158 -18.05 -18.12 -9.14
N ASN C 159 -19.20 -18.38 -9.77
CA ASN C 159 -20.09 -19.44 -9.34
C ASN C 159 -20.33 -19.39 -7.84
N SER C 160 -20.70 -18.19 -7.38
CA SER C 160 -20.99 -17.96 -5.97
C SER C 160 -19.83 -18.31 -5.05
N GLY C 161 -18.62 -18.35 -5.59
CA GLY C 161 -17.47 -18.66 -4.77
C GLY C 161 -16.98 -20.09 -4.75
N SER C 162 -17.66 -21.00 -5.44
CA SER C 162 -17.24 -22.39 -5.44
C SER C 162 -16.31 -22.66 -6.62
N LEU C 163 -15.77 -21.59 -7.17
CA LEU C 163 -14.86 -21.67 -8.31
C LEU C 163 -13.80 -20.64 -7.95
N SER C 164 -12.77 -21.07 -7.23
CA SER C 164 -11.72 -20.17 -6.76
C SER C 164 -10.33 -20.32 -7.37
N SER C 165 -9.98 -21.51 -7.82
CA SER C 165 -8.66 -21.72 -8.42
C SER C 165 -8.63 -21.16 -9.84
N GLY C 166 -7.54 -20.50 -10.20
CA GLY C 166 -7.43 -19.93 -11.53
C GLY C 166 -8.18 -18.63 -11.69
N VAL C 167 -8.47 -17.99 -10.57
CA VAL C 167 -9.17 -16.72 -10.60
C VAL C 167 -8.19 -15.56 -10.40
N HIS C 168 -8.28 -14.57 -11.28
CA HIS C 168 -7.44 -13.38 -11.21
C HIS C 168 -8.33 -12.16 -11.27
N THR C 169 -8.46 -11.47 -10.15
CA THR C 169 -9.26 -10.26 -10.09
C THR C 169 -8.29 -9.11 -9.96
N PHE C 170 -8.19 -8.29 -11.01
CA PHE C 170 -7.28 -7.18 -11.08
C PHE C 170 -7.75 -5.92 -10.37
N PRO C 171 -6.80 -5.17 -9.80
CA PRO C 171 -7.11 -3.92 -9.07
C PRO C 171 -7.86 -2.90 -9.94
N ALA C 172 -8.69 -2.08 -9.31
CA ALA C 172 -9.47 -1.07 -10.02
C ALA C 172 -8.62 0.11 -10.52
N VAL C 173 -9.03 0.72 -11.62
CA VAL C 173 -8.31 1.86 -12.17
C VAL C 173 -9.30 2.98 -12.53
N LEU C 174 -8.91 4.22 -12.25
CA LEU C 174 -9.76 5.37 -12.55
C LEU C 174 -9.71 5.75 -14.03
N GLN C 175 -10.86 5.67 -14.70
CA GLN C 175 -10.97 5.96 -16.12
C GLN C 175 -11.90 7.16 -16.31
N SER C 176 -11.33 8.36 -16.15
CA SER C 176 -12.09 9.59 -16.31
C SER C 176 -13.21 9.66 -15.29
N ASP C 177 -12.83 9.58 -14.02
CA ASP C 177 -13.76 9.65 -12.89
C ASP C 177 -14.63 8.44 -12.62
N LEU C 178 -14.44 7.36 -13.35
CA LEU C 178 -15.20 6.14 -13.11
C LEU C 178 -14.25 4.97 -13.11
N TYR C 179 -14.46 4.05 -12.16
CA TYR C 179 -13.61 2.88 -12.03
C TYR C 179 -13.94 1.77 -13.00
N THR C 180 -12.90 1.07 -13.41
CA THR C 180 -12.99 -0.06 -14.31
C THR C 180 -12.18 -1.19 -13.67
N LEU C 181 -12.71 -2.40 -13.74
CA LEU C 181 -12.06 -3.56 -13.14
C LEU C 181 -12.36 -4.82 -13.94
N SER C 182 -11.51 -5.82 -13.83
CA SER C 182 -11.73 -7.07 -14.57
C SER C 182 -11.29 -8.28 -13.77
N SER C 183 -11.87 -9.43 -14.10
CA SER C 183 -11.54 -10.66 -13.43
C SER C 183 -11.56 -11.76 -14.45
N SER C 184 -10.61 -12.68 -14.33
CA SER C 184 -10.55 -13.80 -15.25
C SER C 184 -10.51 -15.09 -14.45
N VAL C 185 -11.09 -16.12 -15.03
CA VAL C 185 -11.12 -17.41 -14.40
C VAL C 185 -10.74 -18.42 -15.48
N THR C 186 -9.97 -19.43 -15.10
CA THR C 186 -9.57 -20.43 -16.06
C THR C 186 -10.03 -21.78 -15.58
N VAL C 187 -10.76 -22.48 -16.45
CA VAL C 187 -11.28 -23.80 -16.18
C VAL C 187 -10.87 -24.69 -17.33
N THR C 188 -11.26 -25.95 -17.27
CA THR C 188 -10.90 -26.86 -18.34
C THR C 188 -11.98 -26.93 -19.41
N SER C 189 -11.54 -27.04 -20.67
CA SER C 189 -12.44 -27.11 -21.82
C SER C 189 -13.67 -27.98 -21.61
N SER C 190 -13.48 -29.13 -20.97
CA SER C 190 -14.58 -30.05 -20.74
C SER C 190 -15.70 -29.44 -19.92
N THR C 191 -15.33 -28.67 -18.90
CA THR C 191 -16.34 -28.05 -18.03
C THR C 191 -17.07 -26.85 -18.62
N TRP C 192 -16.60 -26.29 -19.72
CA TRP C 192 -17.28 -25.15 -20.32
C TRP C 192 -17.39 -25.37 -21.83
N PRO C 193 -18.55 -25.05 -22.43
CA PRO C 193 -19.76 -24.49 -21.78
C PRO C 193 -20.72 -25.53 -21.19
N SER C 194 -20.23 -26.75 -21.00
CA SER C 194 -21.04 -27.83 -20.43
C SER C 194 -21.57 -27.40 -19.07
N GLN C 195 -20.66 -27.01 -18.18
CA GLN C 195 -21.01 -26.55 -16.85
C GLN C 195 -21.25 -25.05 -16.96
N SER C 196 -22.06 -24.50 -16.06
CA SER C 196 -22.37 -23.09 -16.10
C SER C 196 -21.35 -22.25 -15.33
N ILE C 197 -20.84 -21.19 -15.97
CA ILE C 197 -19.86 -20.31 -15.33
C ILE C 197 -20.43 -18.89 -15.26
N THR C 198 -20.55 -18.38 -14.04
CA THR C 198 -21.09 -17.05 -13.82
C THR C 198 -20.27 -16.23 -12.86
N CYS C 199 -20.20 -14.93 -13.13
CA CYS C 199 -19.46 -14.06 -12.26
C CYS C 199 -20.48 -13.26 -11.43
N ASN C 200 -20.17 -13.03 -10.16
CA ASN C 200 -21.07 -12.31 -9.29
C ASN C 200 -20.41 -11.04 -8.80
N VAL C 201 -20.89 -9.91 -9.32
CA VAL C 201 -20.34 -8.61 -8.97
C VAL C 201 -21.19 -7.89 -7.94
N ALA C 202 -20.56 -7.47 -6.85
CA ALA C 202 -21.27 -6.74 -5.81
C ALA C 202 -20.69 -5.35 -5.68
N HIS C 203 -21.56 -4.35 -5.54
CA HIS C 203 -21.13 -2.97 -5.37
C HIS C 203 -21.97 -2.38 -4.26
N PRO C 204 -21.59 -2.65 -3.02
CA PRO C 204 -22.24 -2.20 -1.79
C PRO C 204 -22.79 -0.76 -1.82
N ALA C 205 -21.95 0.19 -2.23
CA ALA C 205 -22.34 1.60 -2.29
C ALA C 205 -23.64 1.90 -3.06
N SER C 206 -23.97 1.08 -4.06
CA SER C 206 -25.19 1.30 -4.84
C SER C 206 -26.20 0.21 -4.55
N SER C 207 -25.91 -0.58 -3.52
CA SER C 207 -26.78 -1.69 -3.12
C SER C 207 -27.15 -2.56 -4.32
N THR C 208 -26.13 -2.88 -5.12
CA THR C 208 -26.31 -3.68 -6.31
C THR C 208 -25.52 -5.00 -6.26
N LYS C 209 -26.08 -6.03 -6.88
CA LYS C 209 -25.45 -7.33 -6.99
C LYS C 209 -25.83 -7.76 -8.40
N VAL C 210 -24.86 -8.19 -9.18
CA VAL C 210 -25.14 -8.59 -10.54
C VAL C 210 -24.49 -9.91 -10.89
N ASP C 211 -25.26 -10.78 -11.53
CA ASP C 211 -24.77 -12.07 -11.94
C ASP C 211 -24.76 -12.10 -13.47
N LYS C 212 -23.63 -12.46 -14.05
CA LYS C 212 -23.53 -12.52 -15.50
C LYS C 212 -23.04 -13.87 -15.97
N LYS C 213 -23.91 -14.62 -16.61
CA LYS C 213 -23.55 -15.93 -17.12
C LYS C 213 -22.68 -15.76 -18.38
N ILE C 214 -21.57 -16.49 -18.40
CA ILE C 214 -20.67 -16.43 -19.54
C ILE C 214 -21.14 -17.44 -20.57
N VAL C 215 -21.66 -16.94 -21.67
CA VAL C 215 -22.17 -17.77 -22.76
C VAL C 215 -21.32 -17.60 -24.01
N PRO C 216 -21.03 -18.70 -24.71
CA PRO C 216 -20.22 -18.66 -25.93
C PRO C 216 -20.69 -17.71 -27.02
N ARG C 217 -19.95 -17.70 -28.13
CA ARG C 217 -20.23 -16.86 -29.30
C ARG C 217 -19.77 -15.44 -29.03
#